data_4L8A
#
_entry.id   4L8A
#
_cell.length_a   57.207
_cell.length_b   76.669
_cell.length_c   39.400
_cell.angle_alpha   90.00
_cell.angle_beta   90.00
_cell.angle_gamma   90.00
#
_symmetry.space_group_name_H-M   'P 21 21 2'
#
loop_
_entity.id
_entity.type
_entity.pdbx_description
1 polymer 'Uncharacterized protein'
2 non-polymer 1,2-ETHANEDIOL
3 non-polymer 'COENZYME A'
4 non-polymer 'SULFATE ION'
5 non-polymer N-(phenylacetyl)glycyl-N~6~-acetyl-L-lysine
6 water water
#
_entity_poly.entity_id   1
_entity_poly.type   'polypeptide(L)'
_entity_poly.pdbx_seq_one_letter_code
;GHMQLSHRPAETGDLETVAGFPQDRDELFYCYPKAIWPFSVAQLAAAIAERRGSTVAVHDGQVLGFANFYQWQHGDFCAL
GNMMVAPAARGLGVARYLIGVMENLAREQYKARLMKISCFNANAAGLLLYTQLGYQPRAIAERHDPDGRRVALIQMDKPL
EP
;
_entity_poly.pdbx_strand_id   A
#
loop_
_chem_comp.id
_chem_comp.type
_chem_comp.name
_chem_comp.formula
1VP peptide-like N-(phenylacetyl)glycyl-N~6~-acetyl-L-lysine 'C18 H25 N3 O5'
COA non-polymer 'COENZYME A' 'C21 H36 N7 O16 P3 S'
EDO non-polymer 1,2-ETHANEDIOL 'C2 H6 O2'
SO4 non-polymer 'SULFATE ION' 'O4 S -2'
#
# COMPACT_ATOMS: atom_id res chain seq x y z
N MET A 3 5.31 18.24 9.86
CA MET A 3 4.49 17.59 8.82
C MET A 3 3.05 18.07 8.88
N GLN A 4 2.53 18.56 7.76
CA GLN A 4 1.15 19.01 7.68
C GLN A 4 0.51 18.28 6.52
N LEU A 5 0.05 17.07 6.81
CA LEU A 5 -0.41 16.15 5.77
C LEU A 5 -1.90 16.36 5.47
N SER A 6 -2.23 16.23 4.20
CA SER A 6 -3.60 16.20 3.72
C SER A 6 -3.77 15.02 2.79
N HIS A 7 -4.98 14.72 2.41
CA HIS A 7 -5.25 13.61 1.48
C HIS A 7 -6.36 13.97 0.51
N ARG A 8 -6.38 13.29 -0.62
CA ARG A 8 -7.44 13.42 -1.62
C ARG A 8 -7.38 12.19 -2.53
N PRO A 9 -8.43 11.94 -3.30
CA PRO A 9 -8.32 10.90 -4.28
C PRO A 9 -7.20 11.13 -5.27
N ALA A 10 -6.54 10.07 -5.69
CA ALA A 10 -5.54 10.14 -6.72
C ALA A 10 -6.13 10.67 -8.02
N GLU A 11 -5.31 11.41 -8.75
CA GLU A 11 -5.68 12.03 -10.00
C GLU A 11 -4.66 11.62 -11.06
N THR A 12 -5.02 11.78 -12.33
N THR A 12 -5.03 11.75 -12.34
CA THR A 12 -4.14 11.42 -13.41
CA THR A 12 -4.11 11.35 -13.39
C THR A 12 -2.80 12.11 -13.30
C THR A 12 -2.80 12.10 -13.31
N GLY A 13 -2.81 13.39 -12.92
CA GLY A 13 -1.58 14.14 -12.83
C GLY A 13 -0.63 13.64 -11.76
N ASP A 14 -1.12 12.85 -10.81
CA ASP A 14 -0.26 12.28 -9.77
C ASP A 14 0.48 11.01 -10.23
N LEU A 15 0.07 10.43 -11.34
N LEU A 15 0.03 10.39 -11.33
CA LEU A 15 0.58 9.11 -11.69
CA LEU A 15 0.53 9.06 -11.72
C LEU A 15 2.08 9.06 -11.95
C LEU A 15 2.05 9.02 -11.85
N GLU A 16 2.63 10.06 -12.63
N GLU A 16 2.59 10.01 -12.56
CA GLU A 16 4.04 10.01 -12.88
CA GLU A 16 4.01 10.00 -12.86
C GLU A 16 4.84 10.05 -11.57
C GLU A 16 4.84 10.05 -11.57
N THR A 17 4.43 10.86 -10.61
CA THR A 17 5.12 10.99 -9.35
C THR A 17 5.02 9.68 -8.60
N VAL A 18 3.83 9.14 -8.45
CA VAL A 18 3.66 7.93 -7.69
C VAL A 18 4.41 6.75 -8.30
N ALA A 19 4.37 6.65 -9.63
CA ALA A 19 5.07 5.58 -10.29
C ALA A 19 6.60 5.64 -10.10
N GLY A 20 7.10 6.83 -9.74
CA GLY A 20 8.47 7.01 -9.36
C GLY A 20 8.84 6.56 -8.00
N PHE A 21 7.89 6.16 -7.15
CA PHE A 21 8.22 5.87 -5.78
C PHE A 21 9.06 4.60 -5.62
N PRO A 22 8.72 3.47 -6.24
CA PRO A 22 9.53 2.24 -5.99
C PRO A 22 10.92 2.40 -6.61
N GLN A 23 11.94 2.16 -5.78
CA GLN A 23 13.33 2.43 -6.17
C GLN A 23 14.09 1.30 -6.76
N ASP A 24 13.56 0.09 -6.59
CA ASP A 24 14.22 -1.07 -7.09
C ASP A 24 13.20 -2.18 -7.19
N ARG A 25 13.61 -3.28 -7.76
CA ARG A 25 12.70 -4.40 -7.96
CA ARG A 25 12.70 -4.42 -7.95
C ARG A 25 12.06 -4.95 -6.67
N ASP A 26 12.86 -4.94 -5.63
CA ASP A 26 12.37 -5.36 -4.33
C ASP A 26 11.23 -4.49 -3.87
N GLU A 27 11.40 -3.16 -3.89
CA GLU A 27 10.36 -2.29 -3.44
C GLU A 27 9.13 -2.47 -4.28
N LEU A 28 9.29 -2.61 -5.61
CA LEU A 28 8.11 -2.81 -6.45
C LEU A 28 7.39 -4.11 -6.07
N PHE A 29 8.16 -5.19 -5.90
CA PHE A 29 7.57 -6.45 -5.53
C PHE A 29 6.81 -6.35 -4.22
N TYR A 30 7.35 -5.66 -3.22
N TYR A 30 7.37 -5.62 -3.26
CA TYR A 30 6.66 -5.55 -1.94
CA TYR A 30 6.82 -5.57 -1.94
C TYR A 30 5.34 -4.93 -2.03
C TYR A 30 5.52 -4.76 -1.84
N CYS A 31 5.25 -3.86 -2.81
CA CYS A 31 4.02 -3.05 -2.79
C CYS A 31 3.08 -3.43 -3.90
N TYR A 32 3.48 -4.21 -4.88
N TYR A 32 3.54 -4.15 -4.91
CA TYR A 32 2.71 -4.51 -6.09
CA TYR A 32 2.78 -4.50 -6.08
C TYR A 32 3.28 -5.77 -6.76
C TYR A 32 3.41 -5.75 -6.68
N PRO A 33 3.12 -6.93 -6.08
CA PRO A 33 3.87 -8.10 -6.55
C PRO A 33 3.51 -8.60 -7.92
N LYS A 34 2.33 -8.25 -8.45
CA LYS A 34 1.96 -8.62 -9.81
C LYS A 34 2.55 -7.70 -10.88
N ALA A 35 3.12 -6.56 -10.49
CA ALA A 35 3.75 -5.67 -11.45
C ALA A 35 5.05 -6.23 -11.94
N ILE A 36 5.54 -5.68 -13.04
CA ILE A 36 6.81 -6.08 -13.63
CA ILE A 36 6.83 -6.07 -13.61
C ILE A 36 7.74 -4.85 -13.67
N TRP A 37 9.00 -5.04 -13.30
CA TRP A 37 10.01 -3.97 -13.32
C TRP A 37 10.46 -3.79 -14.78
N PRO A 38 10.62 -2.54 -15.24
CA PRO A 38 10.40 -1.29 -14.52
C PRO A 38 8.93 -0.92 -14.43
N PHE A 39 8.61 -0.26 -13.33
CA PHE A 39 7.27 0.22 -13.14
C PHE A 39 6.96 1.31 -14.18
N SER A 40 5.69 1.59 -14.37
CA SER A 40 5.24 2.55 -15.35
C SER A 40 3.92 3.10 -14.96
N VAL A 41 3.61 4.25 -15.51
N VAL A 41 3.59 4.26 -15.53
CA VAL A 41 2.30 4.80 -15.28
CA VAL A 41 2.27 4.83 -15.33
C VAL A 41 1.17 3.91 -15.80
C VAL A 41 1.16 3.92 -15.81
N ALA A 42 1.36 3.21 -16.92
CA ALA A 42 0.31 2.32 -17.40
C ALA A 42 0.05 1.21 -16.38
N GLN A 43 1.08 0.63 -15.77
CA GLN A 43 0.84 -0.40 -14.73
C GLN A 43 0.12 0.17 -13.53
N LEU A 44 0.48 1.39 -13.12
CA LEU A 44 -0.18 2.01 -11.98
C LEU A 44 -1.64 2.29 -12.30
N ALA A 45 -1.91 2.85 -13.48
CA ALA A 45 -3.28 3.16 -13.85
C ALA A 45 -4.12 1.90 -13.96
N ALA A 46 -3.53 0.80 -14.41
CA ALA A 46 -4.29 -0.48 -14.48
C ALA A 46 -4.68 -0.92 -13.08
N ALA A 47 -3.78 -0.80 -12.09
CA ALA A 47 -4.12 -1.12 -10.71
C ALA A 47 -5.24 -0.24 -10.19
N ILE A 48 -5.14 1.04 -10.40
CA ILE A 48 -6.16 1.95 -9.94
C ILE A 48 -7.53 1.59 -10.52
N ALA A 49 -7.57 1.23 -11.80
CA ALA A 49 -8.81 0.92 -12.47
C ALA A 49 -9.45 -0.34 -11.89
N GLU A 50 -8.63 -1.31 -11.48
CA GLU A 50 -9.08 -2.57 -10.92
C GLU A 50 -9.46 -2.52 -9.45
N ARG A 51 -9.01 -1.50 -8.76
CA ARG A 51 -9.07 -1.40 -7.30
C ARG A 51 -10.04 -0.32 -6.87
N ARG A 52 -10.07 -0.06 -5.59
CA ARG A 52 -10.89 1.02 -5.05
CA ARG A 52 -10.88 1.02 -5.03
C ARG A 52 -10.08 1.91 -4.07
N GLY A 53 -10.54 3.13 -3.97
CA GLY A 53 -10.06 3.97 -2.91
C GLY A 53 -8.66 4.50 -3.08
N SER A 54 -8.18 4.66 -4.31
CA SER A 54 -6.83 5.16 -4.55
C SER A 54 -6.72 6.58 -4.04
N THR A 55 -5.80 6.79 -3.13
CA THR A 55 -5.68 8.02 -2.34
C THR A 55 -4.24 8.44 -2.26
N VAL A 56 -3.99 9.77 -2.36
CA VAL A 56 -2.69 10.31 -2.13
C VAL A 56 -2.63 11.14 -0.85
N ALA A 57 -1.44 11.14 -0.26
CA ALA A 57 -1.08 12.01 0.84
C ALA A 57 -0.15 13.11 0.34
N VAL A 58 -0.44 14.34 0.78
CA VAL A 58 0.25 15.53 0.32
C VAL A 58 0.82 16.33 1.50
N HIS A 59 2.03 16.84 1.34
CA HIS A 59 2.66 17.72 2.32
C HIS A 59 3.45 18.75 1.54
N ASP A 60 3.30 20.02 1.93
CA ASP A 60 4.04 21.12 1.32
C ASP A 60 3.96 21.08 -0.21
N GLY A 61 2.77 20.77 -0.71
CA GLY A 61 2.55 20.76 -2.14
C GLY A 61 3.09 19.57 -2.90
N GLN A 62 3.55 18.55 -2.18
N GLN A 62 3.58 18.56 -2.17
CA GLN A 62 4.14 17.39 -2.81
CA GLN A 62 4.14 17.38 -2.79
C GLN A 62 3.35 16.14 -2.48
C GLN A 62 3.29 16.16 -2.48
N VAL A 63 3.05 15.33 -3.49
CA VAL A 63 2.47 14.02 -3.31
C VAL A 63 3.57 13.10 -2.74
N LEU A 64 3.36 12.61 -1.51
CA LEU A 64 4.38 11.84 -0.81
C LEU A 64 3.96 10.40 -0.56
N GLY A 65 2.67 10.07 -0.66
CA GLY A 65 2.22 8.72 -0.41
C GLY A 65 1.04 8.36 -1.25
N PHE A 66 0.83 7.06 -1.42
CA PHE A 66 -0.25 6.50 -2.19
C PHE A 66 -0.70 5.18 -1.58
N ALA A 67 -1.99 4.90 -1.58
CA ALA A 67 -2.52 3.60 -1.20
C ALA A 67 -3.86 3.37 -1.86
N ASN A 68 -4.32 2.11 -1.83
CA ASN A 68 -5.65 1.78 -2.29
C ASN A 68 -6.14 0.53 -1.55
N PHE A 69 -7.31 0.03 -1.93
CA PHE A 69 -7.81 -1.23 -1.40
C PHE A 69 -7.59 -2.28 -2.45
N TYR A 70 -6.86 -3.28 -1.98
N TYR A 70 -6.99 -3.45 -2.39
CA TYR A 70 -6.65 -4.54 -2.71
CA TYR A 70 -7.23 -4.45 -3.47
C TYR A 70 -7.95 -5.36 -2.86
C TYR A 70 -8.30 -5.45 -3.08
N GLN A 71 -8.76 -5.41 -1.81
CA GLN A 71 -10.04 -6.09 -1.62
C GLN A 71 -10.98 -5.21 -0.82
N TRP A 72 -12.28 -5.38 -1.07
CA TRP A 72 -13.29 -4.64 -0.35
C TRP A 72 -14.55 -5.51 -0.31
N GLN A 73 -15.10 -5.67 0.87
CA GLN A 73 -16.28 -6.50 1.11
C GLN A 73 -17.16 -5.79 2.10
N HIS A 74 -18.25 -5.25 1.60
CA HIS A 74 -19.14 -4.43 2.39
C HIS A 74 -19.65 -5.14 3.63
N GLY A 75 -19.54 -4.45 4.77
CA GLY A 75 -19.93 -5.01 6.05
C GLY A 75 -18.95 -5.97 6.67
N ASP A 76 -17.78 -6.16 6.02
CA ASP A 76 -16.90 -7.23 6.38
C ASP A 76 -15.49 -6.71 6.58
N PHE A 77 -14.74 -6.52 5.51
CA PHE A 77 -13.36 -6.11 5.61
C PHE A 77 -12.94 -5.37 4.35
N CYS A 78 -11.83 -4.64 4.46
CA CYS A 78 -11.05 -4.23 3.28
C CYS A 78 -9.62 -4.75 3.47
N ALA A 79 -8.92 -4.89 2.36
CA ALA A 79 -7.48 -5.23 2.39
C ALA A 79 -6.74 -4.09 1.73
N LEU A 80 -5.74 -3.57 2.43
CA LEU A 80 -4.92 -2.47 1.93
C LEU A 80 -3.96 -2.94 0.89
N GLY A 81 -3.76 -2.12 -0.15
CA GLY A 81 -2.77 -2.39 -1.19
C GLY A 81 -1.97 -1.23 -1.72
N ASN A 82 -0.91 -1.56 -2.42
CA ASN A 82 -0.13 -0.55 -3.11
C ASN A 82 0.37 0.61 -2.22
N MET A 83 0.74 0.32 -1.00
CA MET A 83 1.18 1.34 -0.05
C MET A 83 2.58 1.77 -0.44
N MET A 84 2.75 2.99 -0.89
CA MET A 84 4.01 3.48 -1.37
C MET A 84 4.27 4.90 -0.89
N VAL A 85 5.53 5.19 -0.55
CA VAL A 85 5.95 6.47 -0.07
C VAL A 85 7.18 6.95 -0.85
N ALA A 86 7.19 8.19 -1.14
CA ALA A 86 8.30 8.88 -1.81
C ALA A 86 9.61 8.62 -1.02
N PRO A 87 10.69 8.26 -1.71
CA PRO A 87 11.91 7.92 -0.99
C PRO A 87 12.43 9.05 -0.06
N ALA A 88 12.32 10.31 -0.47
CA ALA A 88 12.82 11.40 0.35
C ALA A 88 12.00 11.63 1.60
N ALA A 89 10.81 11.04 1.64
CA ALA A 89 9.88 11.31 2.68
C ALA A 89 9.65 10.10 3.50
N ARG A 90 10.56 9.12 3.45
N ARG A 90 10.55 9.15 3.44
CA ARG A 90 10.44 7.87 4.23
CA ARG A 90 10.40 7.95 4.27
C ARG A 90 10.76 8.13 5.72
C ARG A 90 10.76 8.12 5.74
N GLY A 91 10.05 7.42 6.58
CA GLY A 91 10.21 7.53 8.04
C GLY A 91 9.66 8.75 8.69
N LEU A 92 8.82 9.52 7.97
CA LEU A 92 8.25 10.77 8.41
C LEU A 92 6.80 10.72 8.85
N GLY A 93 6.22 9.51 8.84
CA GLY A 93 4.83 9.35 9.23
C GLY A 93 3.81 9.37 8.11
N VAL A 94 4.28 9.38 6.85
CA VAL A 94 3.36 9.42 5.72
C VAL A 94 2.50 8.15 5.66
N ALA A 95 3.14 6.99 5.74
CA ALA A 95 2.38 5.76 5.68
C ALA A 95 1.48 5.61 6.89
N ARG A 96 1.93 5.98 8.10
CA ARG A 96 1.07 5.94 9.22
C ARG A 96 -0.20 6.79 9.02
N TYR A 97 0.01 8.00 8.51
CA TYR A 97 -1.10 8.90 8.20
C TYR A 97 -2.04 8.28 7.22
N LEU A 98 -1.50 7.80 6.09
CA LEU A 98 -2.37 7.30 5.04
C LEU A 98 -3.10 6.04 5.46
N ILE A 99 -2.45 5.17 6.23
CA ILE A 99 -3.16 3.97 6.73
C ILE A 99 -4.34 4.40 7.62
N GLY A 100 -4.15 5.42 8.45
CA GLY A 100 -5.27 5.91 9.23
C GLY A 100 -6.44 6.42 8.37
N VAL A 101 -6.09 7.15 7.30
CA VAL A 101 -7.07 7.61 6.34
C VAL A 101 -7.84 6.43 5.74
N MET A 102 -7.07 5.41 5.32
CA MET A 102 -7.66 4.25 4.67
C MET A 102 -8.55 3.45 5.63
N GLU A 103 -8.13 3.37 6.89
CA GLU A 103 -8.97 2.72 7.90
C GLU A 103 -10.32 3.50 8.04
N ASN A 104 -10.31 4.82 8.09
CA ASN A 104 -11.51 5.57 8.14
C ASN A 104 -12.36 5.33 6.92
N LEU A 105 -11.73 5.31 5.76
CA LEU A 105 -12.47 5.10 4.53
C LEU A 105 -13.14 3.70 4.51
N ALA A 106 -12.41 2.65 4.97
CA ALA A 106 -12.95 1.30 5.06
C ALA A 106 -14.19 1.28 5.97
N ARG A 107 -14.07 1.91 7.12
CA ARG A 107 -15.21 1.99 8.07
C ARG A 107 -16.40 2.73 7.47
N GLU A 108 -16.14 3.88 6.87
CA GLU A 108 -17.20 4.79 6.40
C GLU A 108 -17.85 4.31 5.12
N GLN A 109 -17.07 3.98 4.10
CA GLN A 109 -17.61 3.59 2.82
C GLN A 109 -18.04 2.13 2.77
N TYR A 110 -17.27 1.26 3.39
CA TYR A 110 -17.54 -0.16 3.31
C TYR A 110 -18.06 -0.79 4.55
N LYS A 111 -18.25 -0.03 5.62
CA LYS A 111 -18.76 -0.57 6.90
C LYS A 111 -17.89 -1.76 7.35
N ALA A 112 -16.60 -1.68 7.08
CA ALA A 112 -15.70 -2.75 7.40
C ALA A 112 -15.51 -2.85 8.90
N ARG A 113 -15.44 -4.09 9.39
CA ARG A 113 -15.08 -4.39 10.77
C ARG A 113 -13.60 -4.69 10.97
N LEU A 114 -12.88 -4.92 9.87
CA LEU A 114 -11.52 -5.43 9.89
C LEU A 114 -10.79 -4.84 8.70
N MET A 115 -9.52 -4.56 8.91
CA MET A 115 -8.59 -4.29 7.83
C MET A 115 -7.58 -5.40 7.76
N LYS A 116 -7.39 -5.96 6.57
CA LYS A 116 -6.33 -6.92 6.28
C LYS A 116 -5.18 -6.21 5.62
N ILE A 117 -3.95 -6.57 6.01
N ILE A 117 -3.97 -6.62 6.01
CA ILE A 117 -2.71 -6.04 5.41
CA ILE A 117 -2.74 -6.24 5.33
C ILE A 117 -1.73 -7.20 5.35
C ILE A 117 -1.99 -7.57 4.99
N SER A 118 -1.29 -7.54 4.13
N SER A 118 -1.21 -7.59 3.92
CA SER A 118 -0.25 -8.51 3.94
CA SER A 118 -0.24 -8.67 3.75
C SER A 118 1.08 -7.79 3.70
C SER A 118 1.09 -8.09 3.34
N CYS A 119 2.15 -8.51 4.05
CA CYS A 119 3.48 -7.90 3.93
C CYS A 119 4.46 -9.00 3.66
N PHE A 120 5.34 -8.83 2.66
CA PHE A 120 6.38 -9.80 2.39
C PHE A 120 7.41 -9.83 3.48
N ASN A 121 7.98 -11.03 3.74
CA ASN A 121 8.88 -11.23 4.85
C ASN A 121 10.08 -10.31 4.81
N ALA A 122 10.63 -9.98 3.64
CA ALA A 122 11.82 -9.20 3.61
C ALA A 122 11.61 -7.78 4.00
N ASN A 123 10.35 -7.32 4.00
CA ASN A 123 10.02 -5.92 4.21
C ASN A 123 9.88 -5.65 5.71
N ALA A 124 11.03 -5.60 6.40
CA ALA A 124 11.01 -5.38 7.83
C ALA A 124 10.30 -4.08 8.18
N ALA A 125 10.58 -3.04 7.40
CA ALA A 125 9.95 -1.72 7.69
C ALA A 125 8.43 -1.83 7.72
N GLY A 126 7.90 -2.51 6.75
CA GLY A 126 6.47 -2.70 6.72
C GLY A 126 5.99 -3.51 7.91
N LEU A 127 6.62 -4.64 8.21
CA LEU A 127 6.13 -5.45 9.30
C LEU A 127 6.10 -4.69 10.60
N LEU A 128 7.14 -3.90 10.84
CA LEU A 128 7.23 -3.11 12.05
C LEU A 128 6.18 -1.98 12.09
N LEU A 129 5.96 -1.36 10.91
N LEU A 129 5.98 -1.33 10.98
CA LEU A 129 4.93 -0.29 10.67
CA LEU A 129 4.97 -0.31 11.04
C LEU A 129 3.57 -0.81 11.12
C LEU A 129 3.57 -0.87 11.24
N TYR A 130 3.19 -1.94 10.53
CA TYR A 130 1.84 -2.46 10.76
C TYR A 130 1.70 -2.94 12.18
N THR A 131 2.76 -3.51 12.74
CA THR A 131 2.75 -3.89 14.13
C THR A 131 2.51 -2.67 15.04
N GLN A 132 3.24 -1.59 14.78
N GLN A 132 3.22 -1.56 14.84
CA GLN A 132 3.10 -0.32 15.47
CA GLN A 132 3.00 -0.37 15.66
C GLN A 132 1.64 0.18 15.46
C GLN A 132 1.57 0.17 15.51
N LEU A 133 0.95 -0.05 14.35
CA LEU A 133 -0.41 0.41 14.11
C LEU A 133 -1.45 -0.55 14.60
N GLY A 134 -1.05 -1.64 15.29
CA GLY A 134 -2.01 -2.52 15.92
C GLY A 134 -2.46 -3.71 15.13
N TYR A 135 -1.77 -3.98 14.01
CA TYR A 135 -2.08 -5.17 13.24
C TYR A 135 -1.36 -6.37 13.84
N GLN A 136 -2.01 -7.51 13.83
CA GLN A 136 -1.45 -8.76 14.36
C GLN A 136 -1.34 -9.75 13.24
N PRO A 137 -0.28 -10.59 13.31
CA PRO A 137 -0.11 -11.60 12.26
C PRO A 137 -1.11 -12.74 12.46
N ARG A 138 -1.63 -13.24 11.38
CA ARG A 138 -2.62 -14.29 11.42
C ARG A 138 -2.17 -15.54 10.68
N ALA A 139 -1.50 -15.41 9.54
CA ALA A 139 -1.10 -16.57 8.76
C ALA A 139 0.10 -16.17 7.93
N ILE A 140 0.79 -17.19 7.42
CA ILE A 140 1.90 -17.06 6.50
C ILE A 140 1.66 -17.92 5.30
N ALA A 141 1.75 -17.34 4.11
CA ALA A 141 1.55 -18.05 2.87
C ALA A 141 2.84 -18.03 2.07
N GLU A 142 3.09 -19.10 1.33
CA GLU A 142 4.20 -19.17 0.41
C GLU A 142 3.88 -18.43 -0.88
N ARG A 143 4.82 -17.62 -1.35
CA ARG A 143 4.75 -17.00 -2.66
C ARG A 143 6.11 -17.15 -3.32
N HIS A 144 6.19 -16.70 -4.57
CA HIS A 144 7.43 -16.76 -5.29
C HIS A 144 7.76 -15.34 -5.81
N ASP A 145 9.01 -14.99 -5.78
CA ASP A 145 9.47 -13.70 -6.27
C ASP A 145 9.82 -13.86 -7.75
N PRO A 146 10.25 -12.75 -8.41
CA PRO A 146 10.48 -12.84 -9.86
C PRO A 146 11.61 -13.74 -10.30
N ASP A 147 12.48 -14.08 -9.36
CA ASP A 147 13.56 -15.04 -9.62
C ASP A 147 13.14 -16.48 -9.35
N GLY A 148 11.86 -16.69 -9.04
CA GLY A 148 11.39 -18.02 -8.70
C GLY A 148 11.74 -18.47 -7.32
N ARG A 149 12.25 -17.58 -6.47
CA ARG A 149 12.62 -17.93 -5.11
C ARG A 149 11.43 -17.84 -4.18
N ARG A 150 11.37 -18.79 -3.28
CA ARG A 150 10.28 -18.81 -2.26
CA ARG A 150 10.26 -18.84 -2.31
C ARG A 150 10.43 -17.73 -1.15
N VAL A 151 9.31 -17.01 -1.00
CA VAL A 151 9.20 -15.96 0.00
C VAL A 151 7.96 -16.26 0.84
N ALA A 152 7.87 -15.57 1.97
CA ALA A 152 6.76 -15.74 2.89
C ALA A 152 5.93 -14.47 2.97
N LEU A 153 4.65 -14.57 2.68
CA LEU A 153 3.72 -13.46 2.77
C LEU A 153 3.00 -13.51 4.10
N ILE A 154 3.23 -12.51 4.93
CA ILE A 154 2.66 -12.47 6.29
CA ILE A 154 2.70 -12.44 6.31
C ILE A 154 1.35 -11.71 6.25
N GLN A 155 0.27 -12.41 6.55
CA GLN A 155 -1.07 -11.89 6.50
C GLN A 155 -1.45 -11.41 7.87
N MET A 156 -1.75 -10.13 8.01
CA MET A 156 -2.06 -9.48 9.25
C MET A 156 -3.44 -8.84 9.20
N ASP A 157 -4.01 -8.54 10.36
CA ASP A 157 -5.29 -7.84 10.39
C ASP A 157 -5.43 -7.04 11.67
N LYS A 158 -6.49 -6.22 11.70
CA LYS A 158 -6.78 -5.32 12.79
C LYS A 158 -8.27 -5.02 12.82
N PRO A 159 -8.93 -5.10 13.98
CA PRO A 159 -10.31 -4.66 14.04
C PRO A 159 -10.39 -3.13 13.89
N LEU A 160 -11.44 -2.67 13.24
CA LEU A 160 -11.60 -1.23 13.00
C LEU A 160 -12.42 -0.44 14.02
N GLU A 161 -13.30 -1.12 14.72
CA GLU A 161 -14.08 -0.44 15.81
C GLU A 161 -15.24 0.41 15.28
C1 EDO B . 12.03 -9.20 -4.80
O1 EDO B . 12.55 -8.67 -6.02
C2 EDO B . 12.96 -10.36 -4.48
O2 EDO B . 12.50 -11.16 -3.39
C1 EDO C . -5.92 -12.79 19.44
C1 EDO C . -6.19 -13.12 19.20
O1 EDO C . -5.44 -13.92 18.69
O1 EDO C . -5.31 -14.12 18.71
C2 EDO C . -7.23 -12.31 18.82
C2 EDO C . -5.65 -12.49 20.48
O2 EDO C . -7.15 -10.92 18.47
O2 EDO C . -4.40 -11.88 20.17
C1 EDO D . 4.05 -0.28 -19.12
O1 EDO D . 5.05 -1.02 -18.34
C2 EDO D . 4.65 0.24 -20.43
O2 EDO D . 4.72 1.67 -20.52
N1A COA E . 12.88 0.82 9.53
C2A COA E . 12.10 0.29 10.48
N3A COA E . 10.79 0.55 10.64
C4A COA E . 10.19 1.42 9.78
C5A COA E . 10.97 2.05 8.70
C6A COA E . 12.40 1.70 8.62
N6A COA E . 13.18 2.21 7.67
N7A COA E . 10.13 2.86 8.02
C8A COA E . 8.91 2.76 8.61
N9A COA E . 8.95 1.90 9.65
C1B COA E . 7.81 1.53 10.53
C2B COA E . 8.06 2.07 11.93
O2B COA E . 7.51 1.15 12.88
C3B COA E . 7.30 3.36 11.93
O3B COA E . 6.90 3.73 13.25
P3B COA E . 7.86 4.64 14.16
O7A COA E . 8.89 3.67 14.71
O8A COA E . 8.45 5.68 13.22
O9A COA E . 6.90 5.19 15.16
C4B COA E . 6.10 3.05 11.03
O4B COA E . 6.61 2.15 10.05
C5B COA E . 5.47 4.28 10.38
O5B COA E . 6.46 5.02 9.68
P1A COA E . 6.08 5.96 8.43
O1A COA E . 7.11 7.03 8.48
O2A COA E . 4.66 6.24 8.50
O3A COA E . 6.47 4.99 7.29
P2A COA E . 6.77 5.56 5.78
O4A COA E . 5.89 6.74 5.57
O5A COA E . 8.25 5.64 5.56
O6A COA E . 6.24 4.37 4.86
CBP COA E . 6.72 2.25 3.77
CCP COA E . 6.68 3.02 5.09
CDP COA E . 7.05 0.78 4.05
CEP COA E . 5.36 2.35 3.11
CAP COA E . 7.82 2.86 2.87
OAP COA E . 9.09 2.50 3.38
C9P COA E . 7.72 2.38 1.45
O9P COA E . 7.06 2.98 0.62
N8P COA E . 8.37 1.26 1.15
C7P COA E . 8.30 0.66 -0.17
C6P COA E . 6.89 0.22 -0.55
C5P COA E . 6.36 -0.85 0.42
O5P COA E . 7.08 -1.70 0.88
N4P COA E . 5.06 -0.80 0.67
C3P COA E . 4.28 -1.96 1.01
C2P COA E . 4.44 -2.39 2.47
S1P COA E . 3.51 -3.93 2.77
S SO4 F . -13.61 4.43 -5.82
O1 SO4 F . -13.03 4.45 -4.46
O2 SO4 F . -14.87 3.67 -5.88
O3 SO4 F . -13.79 5.80 -6.36
O4 SO4 F . -12.52 3.79 -6.58
S SO4 G . 5.93 5.83 8.28
O1 SO4 G . 6.18 5.16 7.01
O2 SO4 G . 6.22 4.96 9.47
O3 SO4 G . 6.94 6.81 8.59
O4 SO4 G . 4.64 6.39 8.49
S SO4 H . 3.16 -17.72 -6.20
O1 SO4 H . 3.55 -18.77 -5.20
O2 SO4 H . 1.71 -17.63 -6.31
O3 SO4 H . 3.67 -16.39 -5.78
O4 SO4 H . 3.78 -18.11 -7.49
S SO4 I . 9.71 15.87 2.57
O1 SO4 I . 8.98 14.90 3.41
O2 SO4 I . 8.79 16.42 1.55
O3 SO4 I . 10.21 16.97 3.41
O4 SO4 I . 10.84 15.20 1.91
S SO4 J . -3.13 -18.28 0.56
O1 SO4 J . -3.35 -19.03 1.80
O2 SO4 J . -4.27 -18.54 -0.34
O3 SO4 J . -3.12 -16.82 0.83
O4 SO4 J . -1.88 -18.75 -0.07
C5 1VP K . -0.49 -11.30 -3.65
C5 1VP K . -0.89 -10.36 -4.35
C4 1VP K . -0.28 -11.48 -5.15
C4 1VP K . -0.61 -11.48 -5.34
C3 1VP K . 0.99 -12.24 -5.57
C3 1VP K . 0.80 -12.01 -5.57
C16 1VP K . 2.12 -12.29 -4.76
C16 1VP K . 1.66 -12.35 -4.54
C17 1VP K . 3.26 -12.98 -5.16
C17 1VP K . 2.92 -12.85 -4.83
C 1VP K . 3.30 -13.64 -6.37
C 1VP K . 3.34 -13.03 -6.14
C1 1VP K . 2.19 -13.60 -7.19
C1 1VP K . 2.48 -12.71 -7.16
C2 1VP K . 1.04 -12.91 -6.79
C2 1VP K . 1.22 -12.20 -6.88
O 1VP K . 0.16 -12.00 -2.88
O 1VP K . -1.16 -9.27 -4.84
N 1VP K . -1.40 -10.38 -3.22
N 1VP K . -0.99 -10.68 -3.04
C6 1VP K . -1.73 -10.17 -1.79
C6 1VP K . -1.91 -10.06 -2.05
C7 1VP K . -1.68 -8.73 -1.32
C7 1VP K . -1.67 -8.68 -1.45
O1 1VP K . -2.10 -8.36 -0.21
O1 1VP K . -2.00 -8.39 -0.30
O2 1VP K . 1.02 -2.58 0.12
O2 1VP K . 1.04 -2.60 0.09
C13 1VP K . 0.69 -3.25 1.11
C13 1VP K . 0.69 -3.25 1.10
C14 1VP K . -0.36 -2.85 2.14
C14 1VP K . -0.38 -2.81 2.09
N2 1VP K . 1.24 -4.45 1.33
N2 1VP K . 1.24 -4.45 1.33
C12 1VP K . 2.28 -4.98 0.46
C12 1VP K . 2.30 -4.97 0.50
C11 1VP K . 2.03 -6.41 -0.03
C11 1VP K . 2.22 -6.46 0.18
C10 1VP K . 1.12 -6.46 -1.27
C10 1VP K . 0.80 -6.89 -0.20
C9 1VP K . -0.26 -5.89 -0.95
C9 1VP K . 0.49 -6.17 -1.51
C8 1VP K . -1.29 -6.40 -1.97
C8 1VP K . -0.92 -6.40 -1.99
N1 1VP K . -1.23 -7.84 -2.19
N1 1VP K . -1.17 -7.82 -2.29
C15 1VP K . -1.19 -5.62 -3.25
C15 1VP K . -1.12 -5.62 -3.23
O3 1VP K . -1.25 -4.42 -3.28
O3 1VP K . -1.26 -4.44 -3.27
O4 1VP K . -1.06 -6.26 -4.39
O4 1VP K . -1.11 -6.27 -4.38
C1 EDO L . -23.41 -3.59 6.30
O1 EDO L . -24.39 -2.54 6.20
C2 EDO L . -23.35 -4.04 7.76
O2 EDO L . -22.99 -2.86 8.52
C1 EDO M . -18.53 -3.67 -5.73
C1 EDO M . -18.59 -3.56 -5.29
O1 EDO M . -17.50 -4.22 -6.56
O1 EDO M . -17.46 -4.16 -5.95
C2 EDO M . -18.28 -2.17 -5.54
C2 EDO M . -18.36 -2.06 -5.23
O2 EDO M . -18.52 -1.81 -4.17
O2 EDO M . -17.92 -1.60 -6.52
C1 EDO N . -7.86 7.88 -12.22
O1 EDO N . -9.15 8.26 -11.72
C2 EDO N . -6.76 8.41 -11.31
O2 EDO N . -5.53 7.99 -11.87
#